data_8I82
#
_entry.id   8I82
#
_cell.length_a   82.334
_cell.length_b   84.492
_cell.length_c   86.778
_cell.angle_alpha   90.00
_cell.angle_beta   90.00
_cell.angle_gamma   90.00
#
_symmetry.space_group_name_H-M   'P 21 21 21'
#
loop_
_entity.id
_entity.type
_entity.pdbx_description
1 polymer 'Viomycin kinase'
2 polymer KBE-DPP-UAL-MYN-DPP-SER
3 non-polymer 'ACETATE ION'
4 water water
#
loop_
_entity_poly.entity_id
_entity_poly.type
_entity_poly.pdbx_seq_one_letter_code
_entity_poly.pdbx_strand_id
1 'polypeptide(L)'
;MGILQANRVLLSRLLPGVEPEGLTVRHGQFHQVVIASDRVVCLPRTAAAAARLPRRAAVMRVLAGLDLGCRTPRPLCEGS
AEGAVELPFLVLSRVPGAPLEADALEDSKVAEVVAAQYVTLLSGLASAGADEKVRAALPAPQGRWRQFAADVRAELFPLM
SDGGCRQAERELAALDSLPDITEAVVHGNLGAENVLWVRDDGLPRLSGVIDWDEVSIGDPAEDLAAIGAGYGKDFLDQVL
TLGGWSDRRMATRIATIRATFALQQALSACRDGDEEELADGLTGYR
;
B,A
2 'polypeptide(L)' (KBE)(DPP)(UAL)(MYN)(DPP)S D
#
loop_
_chem_comp.id
_chem_comp.type
_chem_comp.name
_chem_comp.formula
ACT non-polymer 'ACETATE ION' 'C2 H3 O2 -1'
#
# COMPACT_ATOMS: atom_id res chain seq x y z
N MET A 1 -18.27 -2.13 22.96
CA MET A 1 -18.15 -0.68 22.67
C MET A 1 -19.51 -0.14 22.22
N GLY A 2 -19.90 1.01 22.78
CA GLY A 2 -21.02 1.79 22.29
C GLY A 2 -20.72 2.46 20.94
N ILE A 3 -19.44 2.67 20.60
CA ILE A 3 -19.11 3.16 19.27
C ILE A 3 -19.49 2.08 18.26
N LEU A 4 -19.07 0.85 18.54
CA LEU A 4 -19.40 -0.26 17.67
C LEU A 4 -20.92 -0.38 17.54
N GLN A 5 -21.63 -0.33 18.67
CA GLN A 5 -23.07 -0.47 18.67
C GLN A 5 -23.73 0.71 17.96
N ALA A 6 -23.33 1.94 18.28
CA ALA A 6 -23.88 3.14 17.64
C ALA A 6 -23.73 3.09 16.12
N ASN A 7 -22.65 2.44 15.63
CA ASN A 7 -22.31 2.49 14.22
C ASN A 7 -22.50 1.13 13.55
N ARG A 8 -23.30 0.28 14.18
CA ARG A 8 -23.52 -1.11 13.77
C ARG A 8 -23.99 -1.20 12.32
N VAL A 9 -24.92 -0.33 11.92
CA VAL A 9 -25.51 -0.43 10.59
C VAL A 9 -24.48 -0.09 9.51
N LEU A 10 -23.78 1.03 9.65
CA LEU A 10 -22.72 1.37 8.69
C LEU A 10 -21.64 0.28 8.64
N LEU A 11 -21.18 -0.19 9.81
CA LEU A 11 -20.13 -1.20 9.87
C LEU A 11 -20.56 -2.52 9.22
N SER A 12 -21.85 -2.86 9.26
CA SER A 12 -22.33 -4.04 8.58
C SER A 12 -22.25 -3.88 7.07
N ARG A 13 -22.31 -2.65 6.54
CA ARG A 13 -22.14 -2.45 5.10
C ARG A 13 -20.66 -2.49 4.71
N LEU A 14 -19.78 -1.90 5.54
CA LEU A 14 -18.35 -1.79 5.23
C LEU A 14 -17.63 -3.08 5.55
N LEU A 15 -18.14 -3.85 6.54
CA LEU A 15 -17.52 -5.11 6.93
C LEU A 15 -18.57 -6.20 7.03
N PRO A 16 -19.22 -6.60 5.91
CA PRO A 16 -20.37 -7.51 5.95
C PRO A 16 -19.98 -8.88 6.49
N GLY A 17 -20.81 -9.35 7.43
CA GLY A 17 -20.60 -10.59 8.15
C GLY A 17 -19.59 -10.49 9.29
N VAL A 18 -19.07 -9.29 9.60
CA VAL A 18 -18.11 -9.18 10.69
C VAL A 18 -18.87 -8.82 11.96
N GLU A 19 -18.71 -9.62 13.03
CA GLU A 19 -19.28 -9.39 14.34
C GLU A 19 -18.44 -8.38 15.10
N PRO A 20 -19.04 -7.56 16.00
CA PRO A 20 -18.33 -6.55 16.80
C PRO A 20 -17.10 -7.01 17.61
N GLU A 21 -17.13 -8.25 18.11
CA GLU A 21 -16.02 -8.80 18.89
C GLU A 21 -14.80 -9.05 18.00
N GLY A 22 -15.01 -9.14 16.67
CA GLY A 22 -13.91 -9.10 15.74
C GLY A 22 -13.27 -7.71 15.60
N LEU A 23 -13.78 -6.68 16.31
CA LEU A 23 -13.37 -5.29 16.11
C LEU A 23 -12.89 -4.63 17.40
N THR A 24 -11.94 -3.69 17.23
CA THR A 24 -11.49 -2.81 18.31
C THR A 24 -11.55 -1.37 17.80
N VAL A 25 -11.25 -0.42 18.70
CA VAL A 25 -11.41 1.01 18.45
C VAL A 25 -10.18 1.76 18.97
N ARG A 26 -9.63 2.67 18.17
CA ARG A 26 -8.66 3.65 18.61
C ARG A 26 -9.34 5.02 18.63
N HIS A 27 -9.15 5.76 19.74
CA HIS A 27 -9.81 7.05 19.90
C HIS A 27 -8.94 8.12 19.25
N GLY A 28 -9.51 8.89 18.34
CA GLY A 28 -8.80 10.00 17.72
C GLY A 28 -9.41 11.32 18.15
N GLN A 29 -8.70 12.40 17.88
CA GLN A 29 -9.20 13.71 18.21
C GLN A 29 -10.49 13.99 17.44
N PHE A 30 -10.49 13.65 16.15
CA PHE A 30 -11.59 13.99 15.25
C PHE A 30 -12.41 12.76 14.84
N HIS A 31 -11.76 11.59 14.80
CA HIS A 31 -12.37 10.37 14.29
C HIS A 31 -12.19 9.27 15.32
N GLN A 32 -13.21 8.42 15.45
CA GLN A 32 -13.04 7.11 16.07
C GLN A 32 -12.57 6.17 14.96
N VAL A 33 -11.53 5.37 15.23
CA VAL A 33 -11.00 4.46 14.25
C VAL A 33 -11.33 3.02 14.62
N VAL A 34 -12.14 2.39 13.77
CA VAL A 34 -12.55 1.03 14.01
C VAL A 34 -11.60 0.12 13.24
N ILE A 35 -11.01 -0.83 13.99
CA ILE A 35 -9.93 -1.68 13.53
C ILE A 35 -10.46 -3.09 13.28
N ALA A 36 -10.40 -3.51 12.01
CA ALA A 36 -10.79 -4.81 11.54
C ALA A 36 -9.49 -5.55 11.29
N SER A 37 -9.57 -6.81 10.86
CA SER A 37 -8.38 -7.62 10.64
C SER A 37 -7.48 -7.06 9.54
N ASP A 38 -8.06 -6.48 8.49
CA ASP A 38 -7.32 -6.15 7.29
C ASP A 38 -7.39 -4.66 6.93
N ARG A 39 -8.23 -3.93 7.64
CA ARG A 39 -8.43 -2.53 7.33
C ARG A 39 -8.98 -1.84 8.57
N VAL A 40 -9.05 -0.50 8.49
CA VAL A 40 -9.53 0.37 9.55
C VAL A 40 -10.52 1.37 8.96
N VAL A 41 -11.47 1.79 9.78
CA VAL A 41 -12.51 2.71 9.35
C VAL A 41 -12.50 3.92 10.26
N CYS A 42 -12.19 5.08 9.67
CA CYS A 42 -12.26 6.33 10.39
C CYS A 42 -13.71 6.80 10.37
N LEU A 43 -14.30 7.00 11.56
CA LEU A 43 -15.67 7.47 11.77
C LEU A 43 -15.64 8.84 12.43
N PRO A 44 -16.08 9.90 11.73
CA PRO A 44 -15.94 11.26 12.26
C PRO A 44 -16.87 11.45 13.44
N ARG A 45 -16.36 12.15 14.46
CA ARG A 45 -17.05 12.35 15.73
C ARG A 45 -18.03 13.52 15.61
N THR A 46 -17.80 14.43 14.65
CA THR A 46 -18.62 15.62 14.44
C THR A 46 -18.60 16.04 12.98
N ALA A 47 -19.46 17.00 12.63
CA ALA A 47 -19.51 17.55 11.28
C ALA A 47 -18.14 18.08 10.85
N ALA A 48 -17.42 18.76 11.74
CA ALA A 48 -16.14 19.36 11.37
C ALA A 48 -15.14 18.25 11.02
N ALA A 49 -15.20 17.13 11.77
CA ALA A 49 -14.26 16.04 11.58
C ALA A 49 -14.54 15.39 10.22
N ALA A 50 -15.82 15.33 9.84
CA ALA A 50 -16.24 14.76 8.57
C ALA A 50 -15.73 15.64 7.43
N ALA A 51 -15.67 16.95 7.67
CA ALA A 51 -15.22 17.85 6.64
C ALA A 51 -13.69 17.75 6.51
N ARG A 52 -13.04 17.08 7.50
CA ARG A 52 -11.61 16.87 7.49
C ARG A 52 -11.20 15.64 6.67
N LEU A 53 -12.14 14.71 6.42
CA LEU A 53 -11.77 13.41 5.85
C LEU A 53 -11.32 13.51 4.39
N PRO A 54 -11.89 14.39 3.53
CA PRO A 54 -11.41 14.51 2.15
C PRO A 54 -9.93 14.82 2.06
N ARG A 55 -9.48 15.73 2.93
CA ARG A 55 -8.07 16.10 2.99
C ARG A 55 -7.25 14.95 3.61
N ARG A 56 -7.77 14.23 4.61
CA ARG A 56 -7.06 13.07 5.14
CA ARG A 56 -7.07 13.07 5.14
C ARG A 56 -6.87 12.05 4.04
N ALA A 57 -7.91 11.86 3.19
CA ALA A 57 -7.77 10.91 2.10
C ALA A 57 -6.60 11.31 1.19
N ALA A 58 -6.46 12.61 0.90
CA ALA A 58 -5.40 13.03 0.02
C ALA A 58 -4.05 12.84 0.73
N VAL A 59 -3.99 13.20 2.02
CA VAL A 59 -2.74 13.10 2.76
C VAL A 59 -2.28 11.64 2.76
N MET A 60 -3.18 10.68 2.96
CA MET A 60 -2.79 9.27 3.05
C MET A 60 -2.37 8.75 1.67
N ARG A 61 -2.95 9.32 0.61
CA ARG A 61 -2.54 9.01 -0.74
C ARG A 61 -1.11 9.52 -0.97
N VAL A 62 -0.79 10.70 -0.48
CA VAL A 62 0.56 11.22 -0.68
C VAL A 62 1.58 10.33 0.06
N LEU A 63 1.25 9.91 1.27
CA LEU A 63 2.15 9.10 2.07
C LEU A 63 2.36 7.74 1.41
N ALA A 64 1.34 7.23 0.72
CA ALA A 64 1.41 5.93 0.09
C ALA A 64 2.35 5.95 -1.11
N GLY A 65 2.63 7.14 -1.68
CA GLY A 65 3.54 7.27 -2.79
C GLY A 65 5.00 7.59 -2.39
N LEU A 66 5.29 7.78 -1.09
CA LEU A 66 6.65 8.18 -0.69
C LEU A 66 7.57 6.96 -0.64
N ASP A 67 8.86 7.23 -0.73
CA ASP A 67 9.88 6.20 -0.68
C ASP A 67 10.38 6.14 0.75
N LEU A 68 9.73 5.32 1.61
CA LEU A 68 10.03 5.28 3.05
C LEU A 68 10.75 3.98 3.43
N GLY A 69 10.75 3.03 2.50
CA GLY A 69 11.25 1.70 2.80
C GLY A 69 10.27 0.79 3.55
N CYS A 70 9.00 1.19 3.62
CA CYS A 70 8.00 0.45 4.39
C CYS A 70 6.60 0.82 3.96
N ARG A 71 5.62 0.14 4.56
CA ARG A 71 4.22 0.38 4.29
C ARG A 71 3.62 1.50 5.12
N THR A 72 2.49 2.02 4.58
CA THR A 72 1.69 3.03 5.26
C THR A 72 0.23 2.67 5.00
N PRO A 73 -0.72 3.20 5.78
CA PRO A 73 -2.14 2.87 5.61
C PRO A 73 -2.64 3.54 4.34
N ARG A 74 -3.03 2.71 3.39
CA ARG A 74 -3.42 3.20 2.09
C ARG A 74 -4.92 3.50 2.08
N PRO A 75 -5.38 4.66 1.53
CA PRO A 75 -6.81 4.93 1.45
C PRO A 75 -7.46 4.01 0.44
N LEU A 76 -8.63 3.48 0.82
CA LEU A 76 -9.36 2.53 -0.01
C LEU A 76 -10.59 3.19 -0.64
N CYS A 77 -10.72 4.49 -0.53
CA CYS A 77 -11.69 5.29 -1.27
C CYS A 77 -11.24 5.52 -2.72
N GLU A 78 -12.16 6.05 -3.54
CA GLU A 78 -11.79 6.48 -4.88
C GLU A 78 -11.18 7.87 -4.78
N GLY A 79 -10.28 8.18 -5.72
CA GLY A 79 -9.57 9.45 -5.80
C GLY A 79 -10.50 10.66 -5.71
N SER A 80 -11.75 10.51 -6.20
CA SER A 80 -12.72 11.61 -6.24
C SER A 80 -13.18 11.99 -4.83
N ALA A 81 -13.00 11.09 -3.83
CA ALA A 81 -13.37 11.36 -2.45
C ALA A 81 -12.66 12.61 -1.90
N GLU A 82 -11.51 12.94 -2.48
CA GLU A 82 -10.71 14.08 -2.06
C GLU A 82 -11.41 15.41 -2.41
N GLY A 83 -12.34 15.39 -3.39
CA GLY A 83 -13.01 16.62 -3.81
C GLY A 83 -14.34 16.86 -3.08
N ALA A 84 -14.70 15.98 -2.12
CA ALA A 84 -15.92 16.13 -1.36
C ALA A 84 -15.81 17.23 -0.30
N VAL A 85 -16.98 17.72 0.11
CA VAL A 85 -17.06 18.67 1.21
C VAL A 85 -16.85 17.92 2.52
N GLU A 86 -17.33 16.68 2.55
CA GLU A 86 -17.29 15.91 3.78
C GLU A 86 -17.42 14.45 3.39
N LEU A 87 -16.95 13.56 4.27
CA LEU A 87 -17.18 12.15 4.01
C LEU A 87 -17.71 11.54 5.30
N PRO A 88 -18.63 10.57 5.21
CA PRO A 88 -19.16 9.93 6.42
C PRO A 88 -18.22 8.94 7.08
N PHE A 89 -17.15 8.54 6.36
CA PHE A 89 -16.15 7.60 6.87
C PHE A 89 -14.99 7.59 5.89
N LEU A 90 -13.85 7.04 6.34
CA LEU A 90 -12.73 6.81 5.45
C LEU A 90 -12.07 5.49 5.84
N VAL A 91 -11.93 4.60 4.87
CA VAL A 91 -11.35 3.27 5.03
C VAL A 91 -9.91 3.30 4.54
N LEU A 92 -9.01 2.74 5.36
CA LEU A 92 -7.59 2.62 5.04
C LEU A 92 -7.15 1.16 5.25
N SER A 93 -6.12 0.75 4.51
CA SER A 93 -5.54 -0.55 4.75
C SER A 93 -4.91 -0.57 6.13
N ARG A 94 -4.81 -1.76 6.68
CA ARG A 94 -4.13 -1.97 7.93
C ARG A 94 -2.71 -2.47 7.66
N VAL A 95 -1.73 -1.84 8.30
CA VAL A 95 -0.36 -2.28 8.16
C VAL A 95 -0.15 -3.52 9.03
N PRO A 96 0.44 -4.62 8.47
CA PRO A 96 0.75 -5.83 9.24
C PRO A 96 1.96 -5.67 10.16
N GLY A 97 1.98 -6.53 11.19
CA GLY A 97 3.11 -6.68 12.09
C GLY A 97 2.75 -6.17 13.47
N ALA A 98 3.76 -6.05 14.34
CA ALA A 98 3.57 -5.78 15.75
C ALA A 98 4.64 -4.81 16.23
N PRO A 99 4.34 -4.00 17.27
CA PRO A 99 5.36 -3.18 17.90
C PRO A 99 6.56 -4.00 18.36
N LEU A 100 7.74 -3.35 18.43
CA LEU A 100 8.93 -4.02 18.90
C LEU A 100 9.14 -3.70 20.39
N GLU A 101 9.14 -4.76 21.21
CA GLU A 101 9.50 -4.67 22.62
C GLU A 101 10.90 -4.10 22.77
N ALA A 102 11.06 -3.13 23.69
CA ALA A 102 12.33 -2.48 23.96
C ALA A 102 13.43 -3.50 24.27
N ASP A 103 13.08 -4.59 24.99
CA ASP A 103 14.03 -5.64 25.36
C ASP A 103 14.79 -6.18 24.14
N ALA A 104 14.16 -6.17 22.96
CA ALA A 104 14.84 -6.65 21.77
C ALA A 104 16.12 -5.87 21.52
N LEU A 105 16.20 -4.60 21.96
CA LEU A 105 17.36 -3.76 21.67
C LEU A 105 18.56 -4.04 22.59
N GLU A 106 18.41 -4.92 23.58
CA GLU A 106 19.53 -5.40 24.38
C GLU A 106 20.55 -6.15 23.54
N ASP A 107 20.15 -6.78 22.41
CA ASP A 107 21.09 -7.43 21.50
C ASP A 107 21.66 -6.39 20.52
N SER A 108 22.99 -6.35 20.47
CA SER A 108 23.74 -5.32 19.77
C SER A 108 23.38 -5.30 18.29
N LYS A 109 23.28 -6.51 17.72
CA LYS A 109 23.07 -6.69 16.30
C LYS A 109 21.64 -6.28 15.92
N VAL A 110 20.66 -6.67 16.76
CA VAL A 110 19.28 -6.29 16.53
C VAL A 110 19.16 -4.77 16.58
N ALA A 111 19.78 -4.16 17.59
CA ALA A 111 19.71 -2.71 17.73
C ALA A 111 20.24 -2.06 16.45
N GLU A 112 21.34 -2.59 15.89
CA GLU A 112 21.93 -1.96 14.72
C GLU A 112 20.98 -2.04 13.54
N VAL A 113 20.38 -3.21 13.36
CA VAL A 113 19.48 -3.46 12.24
C VAL A 113 18.22 -2.61 12.41
N VAL A 114 17.71 -2.53 13.63
CA VAL A 114 16.51 -1.75 13.88
C VAL A 114 16.77 -0.27 13.61
N ALA A 115 17.91 0.24 14.11
CA ALA A 115 18.24 1.63 13.95
C ALA A 115 18.35 1.99 12.48
N ALA A 116 19.00 1.10 11.71
CA ALA A 116 19.18 1.26 10.27
C ALA A 116 17.84 1.43 9.54
N GLN A 117 16.83 0.66 9.95
CA GLN A 117 15.51 0.76 9.34
C GLN A 117 14.79 2.05 9.74
N TYR A 118 15.02 2.51 10.99
CA TYR A 118 14.51 3.79 11.39
C TYR A 118 15.16 4.85 10.52
N VAL A 119 16.47 4.72 10.21
CA VAL A 119 17.14 5.72 9.41
C VAL A 119 16.57 5.81 8.01
N THR A 120 16.29 4.66 7.39
CA THR A 120 15.70 4.65 6.05
C THR A 120 14.35 5.38 6.08
N LEU A 121 13.53 5.05 7.08
CA LEU A 121 12.23 5.69 7.26
C LEU A 121 12.37 7.20 7.41
N LEU A 122 13.23 7.62 8.35
CA LEU A 122 13.37 9.03 8.66
C LEU A 122 14.02 9.77 7.49
N SER A 123 14.95 9.13 6.77
CA SER A 123 15.63 9.77 5.66
C SER A 123 14.64 10.00 4.53
N GLY A 124 13.79 9.01 4.30
CA GLY A 124 12.72 9.17 3.32
C GLY A 124 11.73 10.28 3.70
N LEU A 125 11.36 10.36 4.99
CA LEU A 125 10.49 11.44 5.45
C LEU A 125 11.17 12.81 5.29
N ALA A 126 12.47 12.87 5.57
CA ALA A 126 13.23 14.10 5.41
C ALA A 126 13.21 14.57 3.95
N SER A 127 13.61 13.69 3.02
CA SER A 127 13.69 14.12 1.62
C SER A 127 12.33 14.50 1.06
N ALA A 128 11.27 13.79 1.46
CA ALA A 128 9.92 14.14 1.01
C ALA A 128 9.56 15.56 1.45
N GLY A 129 10.06 15.95 2.63
CA GLY A 129 9.77 17.26 3.19
C GLY A 129 10.56 18.36 2.49
N ALA A 130 11.55 17.99 1.67
CA ALA A 130 12.24 18.93 0.80
C ALA A 130 11.61 18.95 -0.59
N ASP A 131 10.58 18.13 -0.83
CA ASP A 131 9.88 18.09 -2.10
C ASP A 131 8.73 19.09 -2.08
N GLU A 132 8.67 19.99 -3.07
CA GLU A 132 7.70 21.08 -3.11
C GLU A 132 6.26 20.59 -3.28
N LYS A 133 6.03 19.50 -4.01
CA LYS A 133 4.66 18.99 -4.16
C LYS A 133 4.14 18.37 -2.88
N VAL A 134 5.00 17.68 -2.09
CA VAL A 134 4.55 17.11 -0.82
C VAL A 134 4.25 18.25 0.16
N ARG A 135 5.18 19.22 0.19
CA ARG A 135 5.08 20.37 1.08
C ARG A 135 3.76 21.13 0.86
N ALA A 136 3.30 21.19 -0.39
CA ALA A 136 2.05 21.87 -0.70
C ALA A 136 0.85 21.04 -0.25
N ALA A 137 1.03 19.74 -0.06
CA ALA A 137 -0.10 18.87 0.23
C ALA A 137 -0.27 18.61 1.74
N LEU A 138 0.73 18.90 2.56
CA LEU A 138 0.58 18.62 3.99
C LEU A 138 0.43 19.91 4.78
N PRO A 139 -0.19 19.86 5.97
CA PRO A 139 -0.21 21.01 6.88
C PRO A 139 1.20 21.37 7.35
N ALA A 140 1.45 22.68 7.46
CA ALA A 140 2.69 23.20 7.99
C ALA A 140 2.37 24.35 8.94
N PRO A 141 1.88 24.08 10.16
CA PRO A 141 1.61 25.14 11.14
C PRO A 141 2.87 25.91 11.48
N GLN A 142 2.70 27.18 11.80
CA GLN A 142 3.82 28.01 12.23
C GLN A 142 3.58 28.30 13.71
N GLY A 143 4.67 28.41 14.47
CA GLY A 143 4.60 28.71 15.88
C GLY A 143 4.00 27.57 16.70
N ARG A 144 4.14 26.33 16.23
CA ARG A 144 3.42 25.24 16.88
C ARG A 144 3.91 25.04 18.31
N TRP A 145 5.18 25.31 18.59
CA TRP A 145 5.74 25.02 19.92
C TRP A 145 5.15 25.99 20.97
N ARG A 146 5.11 27.26 20.57
CA ARG A 146 4.58 28.31 21.42
C ARG A 146 3.11 27.99 21.68
N GLN A 147 2.38 27.56 20.65
CA GLN A 147 0.97 27.25 20.79
C GLN A 147 0.78 25.95 21.58
N PHE A 148 1.65 24.97 21.41
CA PHE A 148 1.55 23.72 22.17
C PHE A 148 1.64 24.02 23.67
N ALA A 149 2.59 24.91 24.03
CA ALA A 149 2.77 25.32 25.42
C ALA A 149 1.49 25.96 25.95
N ALA A 150 0.90 26.86 25.15
CA ALA A 150 -0.35 27.50 25.50
C ALA A 150 -1.44 26.46 25.75
N ASP A 151 -1.54 25.47 24.85
CA ASP A 151 -2.52 24.40 24.95
C ASP A 151 -2.31 23.52 26.19
N VAL A 152 -1.06 23.22 26.53
CA VAL A 152 -0.80 22.41 27.71
C VAL A 152 -1.25 23.17 28.97
N ARG A 153 -0.93 24.45 29.02
CA ARG A 153 -1.26 25.28 30.20
C ARG A 153 -2.78 25.35 30.34
N ALA A 154 -3.46 25.64 29.24
CA ALA A 154 -4.92 25.76 29.22
C ALA A 154 -5.61 24.43 29.54
N GLU A 155 -5.20 23.32 28.91
CA GLU A 155 -6.00 22.09 28.95
C GLU A 155 -5.52 21.07 29.99
N LEU A 156 -4.21 21.04 30.30
CA LEU A 156 -3.67 19.99 31.17
C LEU A 156 -3.33 20.50 32.57
N PHE A 157 -2.88 21.76 32.67
CA PHE A 157 -2.54 22.32 33.97
C PHE A 157 -3.69 22.14 34.97
N PRO A 158 -4.97 22.34 34.58
CA PRO A 158 -6.06 22.11 35.53
C PRO A 158 -6.10 20.68 36.08
N LEU A 159 -5.48 19.74 35.37
CA LEU A 159 -5.49 18.33 35.80
C LEU A 159 -4.26 17.98 36.64
N MET A 160 -3.35 18.94 36.80
CA MET A 160 -2.09 18.71 37.46
C MET A 160 -2.14 19.23 38.90
N SER A 161 -1.25 18.68 39.73
CA SER A 161 -0.82 19.28 40.99
C SER A 161 0.03 20.52 40.71
N ASP A 162 0.28 21.32 41.76
CA ASP A 162 1.14 22.49 41.63
C ASP A 162 2.57 22.03 41.36
N GLY A 163 2.96 20.90 41.98
CA GLY A 163 4.21 20.23 41.67
C GLY A 163 4.35 19.92 40.18
N GLY A 164 3.28 19.38 39.58
CA GLY A 164 3.29 19.01 38.18
C GLY A 164 3.41 20.23 37.27
N CYS A 165 2.66 21.28 37.63
CA CYS A 165 2.68 22.49 36.85
C CYS A 165 4.08 23.09 36.82
N ARG A 166 4.80 22.95 37.94
CA ARG A 166 6.12 23.55 38.02
C ARG A 166 7.08 22.74 37.14
N GLN A 167 6.95 21.42 37.19
CA GLN A 167 7.74 20.53 36.33
C GLN A 167 7.45 20.81 34.86
N ALA A 168 6.17 20.94 34.53
CA ALA A 168 5.76 21.22 33.16
C ALA A 168 6.33 22.57 32.71
N GLU A 169 6.31 23.58 33.58
CA GLU A 169 6.81 24.90 33.22
C GLU A 169 8.30 24.82 32.90
N ARG A 170 9.01 23.92 33.60
CA ARG A 170 10.43 23.73 33.32
C ARG A 170 10.56 23.22 31.88
N GLU A 171 9.67 22.30 31.48
CA GLU A 171 9.79 21.67 30.19
C GLU A 171 9.25 22.61 29.09
N LEU A 172 8.28 23.47 29.39
CA LEU A 172 7.74 24.37 28.38
C LEU A 172 8.68 25.56 28.15
N ALA A 173 9.61 25.80 29.08
CA ALA A 173 10.37 27.05 29.10
C ALA A 173 11.27 27.18 27.87
N ALA A 174 11.83 26.05 27.44
CA ALA A 174 12.75 26.00 26.33
C ALA A 174 12.07 26.13 24.97
N LEU A 175 10.74 25.88 24.89
CA LEU A 175 10.07 25.83 23.60
C LEU A 175 10.11 27.17 22.84
N ASP A 176 9.98 28.31 23.52
CA ASP A 176 9.83 29.56 22.78
C ASP A 176 11.11 29.88 22.01
N SER A 177 12.27 29.43 22.51
CA SER A 177 13.52 29.69 21.81
C SER A 177 13.90 28.53 20.88
N LEU A 178 13.04 27.50 20.76
CA LEU A 178 13.24 26.47 19.75
C LEU A 178 13.14 27.08 18.37
N PRO A 179 14.13 26.84 17.49
CA PRO A 179 13.96 27.19 16.09
C PRO A 179 12.67 26.51 15.62
N ASP A 180 11.91 27.21 14.79
CA ASP A 180 10.69 26.67 14.22
C ASP A 180 11.01 26.04 12.88
N ILE A 181 11.16 24.72 12.85
CA ILE A 181 11.70 24.03 11.69
C ILE A 181 10.56 23.36 10.92
N THR A 182 10.46 23.65 9.62
CA THR A 182 9.51 23.02 8.71
C THR A 182 10.23 22.44 7.50
N GLU A 183 10.90 21.29 7.72
CA GLU A 183 11.88 20.77 6.77
C GLU A 183 11.59 19.33 6.34
N ALA A 184 10.97 18.53 7.21
CA ALA A 184 10.77 17.11 6.97
C ALA A 184 9.27 16.81 7.01
N VAL A 185 8.82 15.73 6.35
CA VAL A 185 7.56 15.12 6.74
C VAL A 185 7.74 14.55 8.14
N VAL A 186 6.86 14.96 9.07
CA VAL A 186 6.97 14.57 10.46
C VAL A 186 5.71 13.83 10.85
N HIS A 187 5.89 12.59 11.34
CA HIS A 187 4.77 11.75 11.73
C HIS A 187 4.03 12.37 12.90
N GLY A 188 4.80 12.81 13.89
CA GLY A 188 4.25 13.57 14.99
C GLY A 188 3.82 12.69 16.18
N ASN A 189 3.88 11.36 16.05
CA ASN A 189 3.53 10.53 17.20
C ASN A 189 4.26 9.19 17.08
N LEU A 190 5.57 9.26 16.85
CA LEU A 190 6.27 8.10 16.36
C LEU A 190 6.79 7.26 17.54
N GLY A 191 5.88 6.93 18.45
CA GLY A 191 6.20 5.98 19.50
C GLY A 191 6.24 4.56 18.99
N ALA A 192 6.72 3.69 19.87
CA ALA A 192 6.91 2.28 19.59
C ALA A 192 5.65 1.60 19.08
N GLU A 193 4.50 1.99 19.64
CA GLU A 193 3.21 1.38 19.32
C GLU A 193 2.81 1.66 17.86
N ASN A 194 3.33 2.72 17.22
CA ASN A 194 2.96 3.05 15.84
C ASN A 194 3.96 2.55 14.80
N VAL A 195 4.98 1.80 15.21
CA VAL A 195 6.00 1.30 14.30
C VAL A 195 5.99 -0.21 14.37
N LEU A 196 5.66 -0.85 13.23
CA LEU A 196 5.28 -2.26 13.21
C LEU A 196 6.34 -3.05 12.47
N TRP A 197 6.66 -4.24 13.02
CA TRP A 197 7.73 -5.10 12.58
C TRP A 197 7.20 -6.49 12.33
N VAL A 198 7.85 -7.20 11.42
CA VAL A 198 7.66 -8.64 11.33
C VAL A 198 8.88 -9.32 11.95
N ARG A 199 8.64 -10.37 12.74
CA ARG A 199 9.68 -11.10 13.44
C ARG A 199 9.40 -12.60 13.34
N ASP A 200 9.16 -13.08 12.12
CA ASP A 200 8.99 -14.51 11.92
C ASP A 200 10.31 -15.09 11.43
N ASP A 201 10.80 -14.60 10.29
CA ASP A 201 11.79 -15.35 9.53
C ASP A 201 13.23 -14.91 9.85
N GLY A 202 13.46 -13.96 10.79
CA GLY A 202 14.83 -13.55 11.15
C GLY A 202 14.89 -12.35 12.10
N LEU A 203 15.86 -11.44 11.91
CA LEU A 203 15.90 -10.22 12.72
C LEU A 203 14.71 -9.31 12.40
N PRO A 204 14.34 -8.37 13.32
CA PRO A 204 13.17 -7.50 13.14
C PRO A 204 13.28 -6.69 11.86
N ARG A 205 12.20 -6.74 11.07
CA ARG A 205 12.12 -6.09 9.78
C ARG A 205 10.93 -5.13 9.82
N LEU A 206 11.20 -3.88 9.41
CA LEU A 206 10.22 -2.82 9.48
C LEU A 206 9.09 -3.13 8.52
N SER A 207 7.87 -3.25 9.04
CA SER A 207 6.74 -3.57 8.18
C SER A 207 6.08 -2.28 7.72
N GLY A 208 5.81 -1.40 8.65
CA GLY A 208 5.10 -0.19 8.26
C GLY A 208 4.88 0.67 9.48
N VAL A 209 4.29 1.84 9.23
CA VAL A 209 4.04 2.81 10.26
C VAL A 209 2.58 3.20 10.20
N ILE A 210 1.95 3.38 11.35
CA ILE A 210 0.52 3.66 11.47
C ILE A 210 0.31 4.94 12.26
N ASP A 211 -0.98 5.34 12.34
CA ASP A 211 -1.48 6.44 13.14
C ASP A 211 -0.83 7.75 12.68
N TRP A 212 -1.16 8.18 11.46
CA TRP A 212 -0.62 9.41 10.89
C TRP A 212 -1.47 10.66 11.16
N ASP A 213 -2.29 10.63 12.21
CA ASP A 213 -3.21 11.70 12.54
C ASP A 213 -2.49 13.06 12.69
N GLU A 214 -1.25 13.07 13.19
CA GLU A 214 -0.54 14.30 13.53
C GLU A 214 0.45 14.74 12.44
N VAL A 215 0.48 14.07 11.28
CA VAL A 215 1.49 14.30 10.26
C VAL A 215 1.46 15.74 9.75
N SER A 216 2.65 16.24 9.42
CA SER A 216 2.85 17.63 9.00
C SER A 216 4.22 17.74 8.35
N ILE A 217 4.48 18.91 7.74
CA ILE A 217 5.82 19.41 7.50
C ILE A 217 6.27 20.07 8.80
N GLY A 218 7.39 19.60 9.35
CA GLY A 218 7.90 20.11 10.60
C GLY A 218 9.37 19.77 10.82
N ASP A 219 9.70 19.61 12.08
CA ASP A 219 11.05 19.42 12.54
C ASP A 219 11.24 17.93 12.77
N PRO A 220 12.20 17.27 12.08
CA PRO A 220 12.49 15.86 12.30
C PRO A 220 12.83 15.51 13.74
N ALA A 221 13.30 16.55 14.49
CA ALA A 221 13.57 16.40 15.91
C ALA A 221 12.36 15.88 16.69
N GLU A 222 11.14 16.18 16.22
CA GLU A 222 9.92 15.73 16.87
C GLU A 222 9.87 14.20 16.85
N ASP A 223 10.21 13.60 15.70
CA ASP A 223 10.11 12.16 15.51
C ASP A 223 11.26 11.48 16.23
N LEU A 224 12.47 12.09 16.16
CA LEU A 224 13.59 11.53 16.88
C LEU A 224 13.36 11.58 18.40
N ALA A 225 12.67 12.61 18.89
CA ALA A 225 12.32 12.72 20.31
C ALA A 225 11.46 11.55 20.75
N ALA A 226 10.47 11.23 19.90
CA ALA A 226 9.55 10.13 20.20
C ALA A 226 10.33 8.84 20.39
N ILE A 227 11.27 8.59 19.46
CA ILE A 227 12.09 7.40 19.51
C ILE A 227 12.90 7.35 20.80
N GLY A 228 13.56 8.46 21.10
CA GLY A 228 14.32 8.57 22.34
C GLY A 228 13.43 8.40 23.58
N ALA A 229 12.21 8.96 23.56
CA ALA A 229 11.32 8.79 24.69
C ALA A 229 11.07 7.31 24.94
N GLY A 230 10.81 6.53 23.88
CA GLY A 230 10.45 5.13 24.00
C GLY A 230 11.64 4.22 24.29
N TYR A 231 12.82 4.52 23.73
CA TYR A 231 13.88 3.54 23.68
C TYR A 231 15.16 3.98 24.40
N GLY A 232 15.30 5.25 24.76
CA GLY A 232 16.39 5.69 25.61
C GLY A 232 17.57 6.24 24.80
N LYS A 233 18.52 6.85 25.52
CA LYS A 233 19.50 7.72 24.90
C LYS A 233 20.46 6.93 24.01
N ASP A 234 20.81 5.70 24.41
CA ASP A 234 21.80 4.93 23.69
C ASP A 234 21.27 4.49 22.31
N PHE A 235 20.03 4.01 22.25
CA PHE A 235 19.48 3.62 20.97
C PHE A 235 19.32 4.87 20.10
N LEU A 236 18.86 5.97 20.71
CA LEU A 236 18.65 7.19 19.97
C LEU A 236 19.98 7.62 19.33
N ASP A 237 21.07 7.53 20.11
CA ASP A 237 22.38 7.94 19.62
C ASP A 237 22.83 7.07 18.44
N GLN A 238 22.47 5.80 18.46
CA GLN A 238 22.71 4.95 17.30
C GLN A 238 21.96 5.39 16.05
N VAL A 239 20.68 5.77 16.18
CA VAL A 239 19.94 6.27 15.04
C VAL A 239 20.55 7.57 14.53
N LEU A 240 20.91 8.47 15.42
CA LEU A 240 21.46 9.76 15.00
C LEU A 240 22.80 9.56 14.28
N THR A 241 23.62 8.66 14.79
CA THR A 241 24.91 8.35 14.15
C THR A 241 24.68 7.74 12.77
N LEU A 242 23.85 6.71 12.65
CA LEU A 242 23.65 6.07 11.36
C LEU A 242 22.99 7.03 10.35
N GLY A 243 22.19 7.99 10.82
CA GLY A 243 21.47 8.85 9.90
C GLY A 243 22.20 10.13 9.53
N GLY A 244 23.31 10.43 10.22
CA GLY A 244 24.00 11.69 9.98
C GLY A 244 23.34 12.85 10.71
N TRP A 245 22.80 12.59 11.91
CA TRP A 245 22.00 13.59 12.60
C TRP A 245 22.49 13.86 14.02
N SER A 246 23.77 13.58 14.33
CA SER A 246 24.22 13.65 15.71
C SER A 246 24.88 15.01 15.98
N ASP A 247 24.65 16.01 15.12
CA ASP A 247 25.13 17.36 15.41
C ASP A 247 24.44 17.93 16.65
N ARG A 248 25.18 18.81 17.36
CA ARG A 248 24.69 19.34 18.66
C ARG A 248 23.36 20.09 18.52
N ARG A 249 23.21 20.85 17.43
CA ARG A 249 21.95 21.57 17.25
C ARG A 249 20.76 20.62 17.27
N MET A 250 20.86 19.57 16.45
CA MET A 250 19.80 18.59 16.37
C MET A 250 19.64 17.90 17.73
N ALA A 251 20.75 17.52 18.35
CA ALA A 251 20.65 16.77 19.59
C ALA A 251 19.98 17.63 20.67
N THR A 252 20.19 18.96 20.56
CA THR A 252 19.70 19.91 21.55
C THR A 252 18.19 20.09 21.34
N ARG A 253 17.72 20.21 20.09
CA ARG A 253 16.28 20.29 19.85
C ARG A 253 15.61 18.99 20.27
N ILE A 254 16.20 17.85 19.94
CA ILE A 254 15.65 16.57 20.36
C ILE A 254 15.46 16.58 21.87
N ALA A 255 16.48 17.01 22.63
CA ALA A 255 16.41 16.96 24.09
C ALA A 255 15.26 17.82 24.61
N THR A 256 15.10 18.99 24.00
CA THR A 256 14.06 19.92 24.38
C THR A 256 12.66 19.33 24.13
N ILE A 257 12.46 18.79 22.93
CA ILE A 257 11.16 18.29 22.55
C ILE A 257 10.88 16.99 23.31
N ARG A 258 11.92 16.19 23.48
CA ARG A 258 11.81 14.95 24.19
C ARG A 258 11.25 15.20 25.59
N ALA A 259 11.69 16.27 26.24
CA ALA A 259 11.22 16.56 27.60
C ALA A 259 9.72 16.91 27.64
N THR A 260 9.10 17.19 26.49
CA THR A 260 7.68 17.50 26.40
C THR A 260 6.86 16.31 25.90
N PHE A 261 7.50 15.18 25.57
CA PHE A 261 6.79 14.14 24.81
C PHE A 261 5.64 13.53 25.61
N ALA A 262 5.84 13.30 26.91
CA ALA A 262 4.75 12.79 27.72
C ALA A 262 3.60 13.81 27.75
N LEU A 263 3.91 15.10 27.80
CA LEU A 263 2.88 16.12 27.79
C LEU A 263 2.12 16.10 26.45
N GLN A 264 2.83 15.79 25.36
CA GLN A 264 2.20 15.63 24.05
C GLN A 264 1.23 14.46 24.07
N GLN A 265 1.64 13.36 24.74
CA GLN A 265 0.80 12.20 24.87
C GLN A 265 -0.42 12.55 25.73
N ALA A 266 -0.21 13.28 26.83
CA ALA A 266 -1.32 13.68 27.69
C ALA A 266 -2.30 14.60 26.95
N LEU A 267 -1.78 15.61 26.23
CA LEU A 267 -2.69 16.51 25.52
C LEU A 267 -3.57 15.77 24.51
N SER A 268 -2.98 14.84 23.74
CA SER A 268 -3.70 14.05 22.75
C SER A 268 -4.78 13.23 23.44
N ALA A 269 -4.42 12.61 24.58
CA ALA A 269 -5.32 11.72 25.29
C ALA A 269 -6.49 12.54 25.84
N CYS A 270 -6.17 13.76 26.29
CA CYS A 270 -7.15 14.67 26.82
C CYS A 270 -8.17 14.98 25.73
N ARG A 271 -7.69 15.29 24.51
CA ARG A 271 -8.57 15.67 23.42
C ARG A 271 -9.31 14.49 22.79
N ASP A 272 -8.79 13.28 22.89
CA ASP A 272 -9.39 12.17 22.18
C ASP A 272 -10.22 11.32 23.16
N GLY A 273 -10.19 11.67 24.45
CA GLY A 273 -11.04 11.02 25.44
C GLY A 273 -10.46 9.72 25.96
N ASP A 274 -9.16 9.49 25.73
CA ASP A 274 -8.58 8.22 26.12
C ASP A 274 -8.10 8.33 27.57
N GLU A 275 -8.90 7.81 28.50
CA GLU A 275 -8.67 7.98 29.93
C GLU A 275 -7.36 7.37 30.40
N GLU A 276 -6.97 6.21 29.86
CA GLU A 276 -5.78 5.54 30.36
C GLU A 276 -4.52 6.20 29.77
N GLU A 277 -4.54 6.53 28.47
CA GLU A 277 -3.40 7.23 27.89
C GLU A 277 -3.21 8.58 28.59
N LEU A 278 -4.29 9.21 29.09
CA LEU A 278 -4.18 10.45 29.84
C LEU A 278 -3.55 10.20 31.20
N ALA A 279 -4.02 9.16 31.91
CA ALA A 279 -3.43 8.84 33.22
C ALA A 279 -1.93 8.61 33.06
N ASP A 280 -1.56 7.88 32.01
CA ASP A 280 -0.17 7.56 31.76
C ASP A 280 0.61 8.83 31.44
N GLY A 281 0.10 9.67 30.52
CA GLY A 281 0.78 10.89 30.11
C GLY A 281 1.05 11.83 31.29
N LEU A 282 0.14 11.78 32.29
CA LEU A 282 0.19 12.68 33.44
C LEU A 282 0.96 12.06 34.61
N THR A 283 1.53 10.85 34.44
CA THR A 283 2.38 10.28 35.47
C THR A 283 3.45 11.30 35.85
N GLY A 284 3.52 11.64 37.14
CA GLY A 284 4.53 12.53 37.64
C GLY A 284 4.12 14.00 37.60
N TYR A 285 2.94 14.31 37.03
CA TYR A 285 2.48 15.68 37.02
C TYR A 285 1.27 15.82 37.97
N ARG A 286 0.99 14.75 38.73
CA ARG A 286 -0.09 14.73 39.70
C ARG A 286 0.11 13.57 40.69
N GLY B 2 23.19 -22.56 -7.23
CA GLY B 2 21.79 -22.11 -7.02
C GLY B 2 21.68 -20.59 -6.91
N ILE B 3 20.42 -20.11 -6.94
CA ILE B 3 20.11 -18.68 -6.94
C ILE B 3 20.20 -18.14 -5.51
N LEU B 4 19.75 -18.92 -4.53
CA LEU B 4 19.74 -18.50 -3.14
C LEU B 4 21.18 -18.35 -2.65
N GLN B 5 21.97 -19.43 -2.80
CA GLN B 5 23.36 -19.40 -2.38
C GLN B 5 24.09 -18.29 -3.13
N ALA B 6 23.87 -18.16 -4.44
CA ALA B 6 24.60 -17.18 -5.24
C ALA B 6 24.32 -15.74 -4.84
N ASN B 7 23.11 -15.43 -4.34
CA ASN B 7 22.80 -14.04 -4.03
C ASN B 7 22.76 -13.81 -2.52
N ARG B 8 23.50 -14.63 -1.77
CA ARG B 8 23.36 -14.74 -0.34
C ARG B 8 23.82 -13.45 0.35
N VAL B 9 24.83 -12.80 -0.21
CA VAL B 9 25.31 -11.54 0.34
C VAL B 9 24.17 -10.51 0.25
N LEU B 10 23.54 -10.41 -0.93
CA LEU B 10 22.45 -9.45 -1.10
C LEU B 10 21.32 -9.77 -0.14
N LEU B 11 20.91 -11.04 -0.07
CA LEU B 11 19.77 -11.44 0.74
C LEU B 11 20.02 -11.21 2.22
N SER B 12 21.28 -11.31 2.64
CA SER B 12 21.61 -11.07 4.05
C SER B 12 21.48 -9.59 4.36
N ARG B 13 21.75 -8.71 3.39
CA ARG B 13 21.49 -7.29 3.60
C ARG B 13 20.00 -6.99 3.61
N LEU B 14 19.22 -7.59 2.68
CA LEU B 14 17.83 -7.20 2.49
C LEU B 14 16.91 -7.89 3.50
N LEU B 15 17.36 -9.07 3.99
CA LEU B 15 16.58 -9.91 4.89
C LEU B 15 17.50 -10.39 6.01
N PRO B 16 17.97 -9.50 6.90
CA PRO B 16 18.91 -9.85 7.96
C PRO B 16 18.42 -10.98 8.84
N GLY B 17 19.28 -11.97 9.06
CA GLY B 17 18.97 -13.07 9.95
C GLY B 17 18.09 -14.11 9.27
N VAL B 18 17.64 -13.85 8.04
CA VAL B 18 16.75 -14.81 7.39
C VAL B 18 17.59 -15.88 6.66
N GLU B 19 17.33 -17.14 6.99
CA GLU B 19 18.05 -18.26 6.38
C GLU B 19 17.64 -18.35 4.92
N PRO B 20 18.58 -18.19 3.94
CA PRO B 20 18.20 -18.18 2.53
C PRO B 20 17.61 -19.50 2.02
N GLU B 21 18.06 -20.65 2.57
CA GLU B 21 17.55 -21.97 2.25
C GLU B 21 16.09 -22.17 2.70
N GLY B 22 15.57 -21.33 3.59
CA GLY B 22 14.14 -21.34 3.91
C GLY B 22 13.27 -20.51 2.95
N LEU B 23 13.86 -19.76 2.02
CA LEU B 23 13.11 -18.98 1.05
C LEU B 23 12.70 -19.88 -0.12
N THR B 24 11.95 -19.30 -1.09
CA THR B 24 11.56 -19.96 -2.30
C THR B 24 11.73 -18.99 -3.47
N VAL B 25 12.15 -19.51 -4.63
CA VAL B 25 12.42 -18.69 -5.78
C VAL B 25 11.44 -19.05 -6.90
N ARG B 26 10.81 -18.02 -7.48
CA ARG B 26 9.91 -18.21 -8.60
C ARG B 26 10.61 -17.69 -9.86
N HIS B 27 10.47 -18.45 -10.95
CA HIS B 27 11.32 -18.32 -12.12
C HIS B 27 10.53 -17.63 -13.23
N GLY B 28 10.55 -16.29 -13.22
CA GLY B 28 9.86 -15.50 -14.24
C GLY B 28 10.57 -15.57 -15.59
N GLN B 29 10.16 -14.70 -16.53
CA GLN B 29 10.78 -14.61 -17.84
C GLN B 29 11.97 -13.66 -17.74
N PHE B 30 11.71 -12.49 -17.13
CA PHE B 30 12.68 -11.42 -17.00
C PHE B 30 13.41 -11.51 -15.66
N HIS B 31 12.81 -12.18 -14.65
CA HIS B 31 13.18 -12.03 -13.25
C HIS B 31 13.11 -13.35 -12.49
N GLN B 32 14.11 -13.62 -11.62
CA GLN B 32 13.96 -14.55 -10.52
C GLN B 32 13.36 -13.76 -9.36
N VAL B 33 12.37 -14.33 -8.66
CA VAL B 33 11.72 -13.65 -7.54
C VAL B 33 11.92 -14.49 -6.28
N VAL B 34 12.72 -13.95 -5.36
CA VAL B 34 12.93 -14.56 -4.06
C VAL B 34 11.79 -14.14 -3.15
N ILE B 35 11.15 -15.13 -2.52
CA ILE B 35 9.95 -14.89 -1.76
C ILE B 35 10.25 -15.03 -0.27
N ALA B 36 10.12 -13.91 0.46
CA ALA B 36 10.17 -13.94 1.92
C ALA B 36 8.75 -13.75 2.42
N SER B 37 8.58 -13.68 3.75
CA SER B 37 7.24 -13.75 4.34
C SER B 37 6.38 -12.53 4.02
N ASP B 38 7.00 -11.33 3.89
CA ASP B 38 6.22 -10.10 3.72
C ASP B 38 6.70 -9.28 2.53
N ARG B 39 7.58 -9.84 1.72
CA ARG B 39 8.20 -9.10 0.62
C ARG B 39 8.89 -10.10 -0.27
N VAL B 40 9.17 -9.64 -1.50
CA VAL B 40 9.88 -10.41 -2.50
C VAL B 40 11.05 -9.60 -3.02
N VAL B 41 12.09 -10.31 -3.51
CA VAL B 41 13.24 -9.67 -4.13
C VAL B 41 13.30 -10.09 -5.61
N CYS B 42 13.19 -9.10 -6.50
CA CYS B 42 13.26 -9.28 -7.94
C CYS B 42 14.68 -9.09 -8.44
N LEU B 43 15.24 -10.11 -9.12
CA LEU B 43 16.59 -10.08 -9.66
C LEU B 43 16.48 -10.28 -11.17
N PRO B 44 17.08 -9.43 -12.01
CA PRO B 44 16.94 -9.56 -13.46
C PRO B 44 17.69 -10.78 -14.01
N ARG B 45 17.06 -11.52 -14.92
CA ARG B 45 17.69 -12.73 -15.51
C ARG B 45 18.52 -12.40 -16.75
N THR B 46 18.50 -11.15 -17.23
CA THR B 46 19.30 -10.76 -18.38
C THR B 46 19.83 -9.35 -18.17
N ALA B 47 20.64 -8.88 -19.12
CA ALA B 47 21.10 -7.50 -19.13
C ALA B 47 19.97 -6.60 -19.62
N ALA B 48 19.03 -7.18 -20.38
CA ALA B 48 17.86 -6.46 -20.86
C ALA B 48 16.94 -6.14 -19.67
N ALA B 49 16.65 -7.16 -18.86
CA ALA B 49 15.82 -6.99 -17.68
C ALA B 49 16.48 -6.06 -16.68
N ALA B 50 17.79 -6.27 -16.44
CA ALA B 50 18.53 -5.42 -15.53
C ALA B 50 18.45 -3.96 -15.97
N ALA B 51 18.46 -3.72 -17.29
CA ALA B 51 18.35 -2.35 -17.80
C ALA B 51 16.94 -1.80 -17.58
N ARG B 52 15.95 -2.70 -17.57
CA ARG B 52 14.54 -2.30 -17.52
C ARG B 52 14.07 -2.08 -16.08
N LEU B 53 14.84 -2.55 -15.08
CA LEU B 53 14.34 -2.69 -13.71
C LEU B 53 14.09 -1.32 -13.08
N PRO B 54 14.92 -0.29 -13.32
CA PRO B 54 14.60 1.06 -12.86
C PRO B 54 13.25 1.57 -13.34
N ARG B 55 12.84 1.20 -14.54
CA ARG B 55 11.52 1.65 -15.04
C ARG B 55 10.41 0.86 -14.34
N ARG B 56 10.64 -0.43 -14.17
CA ARG B 56 9.65 -1.26 -13.51
C ARG B 56 9.42 -0.71 -12.11
N ALA B 57 10.48 -0.25 -11.44
CA ALA B 57 10.36 0.25 -10.09
C ALA B 57 9.53 1.54 -10.07
N ALA B 58 9.77 2.44 -11.04
CA ALA B 58 8.96 3.65 -11.21
C ALA B 58 7.48 3.30 -11.41
N VAL B 59 7.20 2.38 -12.31
CA VAL B 59 5.85 1.90 -12.55
C VAL B 59 5.23 1.40 -11.24
N MET B 60 5.96 0.62 -10.42
CA MET B 60 5.34 0.05 -9.23
C MET B 60 5.09 1.15 -8.20
N ARG B 61 6.01 2.11 -8.11
CA ARG B 61 5.81 3.28 -7.27
C ARG B 61 4.55 4.04 -7.70
N VAL B 62 4.26 4.14 -8.99
CA VAL B 62 3.09 4.88 -9.44
C VAL B 62 1.81 4.15 -9.03
N LEU B 63 1.73 2.86 -9.33
CA LEU B 63 0.62 2.02 -8.92
C LEU B 63 0.38 2.09 -7.41
N ALA B 64 1.47 2.24 -6.64
CA ALA B 64 1.36 2.26 -5.19
C ALA B 64 0.69 3.54 -4.70
N GLY B 65 0.67 4.55 -5.58
CA GLY B 65 0.11 5.85 -5.27
C GLY B 65 -1.33 5.99 -5.72
N LEU B 66 -1.84 5.04 -6.51
CA LEU B 66 -3.19 5.15 -7.06
C LEU B 66 -4.20 4.73 -6.01
N ASP B 67 -5.44 5.20 -6.21
CA ASP B 67 -6.58 4.78 -5.42
C ASP B 67 -7.36 3.72 -6.19
N LEU B 68 -7.09 2.46 -5.85
CA LEU B 68 -7.65 1.32 -6.57
C LEU B 68 -8.59 0.58 -5.64
N GLY B 69 -8.74 1.07 -4.42
CA GLY B 69 -9.56 0.37 -3.45
C GLY B 69 -8.87 -0.82 -2.78
N CYS B 70 -7.57 -1.02 -2.99
CA CYS B 70 -6.87 -2.19 -2.48
C CYS B 70 -5.35 -2.00 -2.49
N ARG B 71 -4.59 -3.03 -2.09
CA ARG B 71 -3.14 -2.97 -2.04
C ARG B 71 -2.54 -3.35 -3.41
N THR B 72 -1.28 -2.93 -3.61
CA THR B 72 -0.43 -3.35 -4.70
C THR B 72 0.97 -3.55 -4.11
N PRO B 73 1.86 -4.32 -4.77
CA PRO B 73 3.26 -4.46 -4.34
C PRO B 73 4.04 -3.14 -4.33
N ARG B 74 4.30 -2.63 -3.13
CA ARG B 74 4.94 -1.35 -2.98
C ARG B 74 6.47 -1.50 -3.00
N PRO B 75 7.18 -0.69 -3.79
CA PRO B 75 8.66 -0.69 -3.74
C PRO B 75 9.20 -0.31 -2.37
N LEU B 76 10.02 -1.18 -1.79
CA LEU B 76 10.61 -0.95 -0.47
C LEU B 76 12.07 -0.57 -0.58
N CYS B 77 12.73 -1.02 -1.67
CA CYS B 77 14.17 -0.85 -1.84
C CYS B 77 14.52 -1.24 -3.29
N GLU B 78 15.45 -0.48 -3.87
CA GLU B 78 15.97 -0.77 -5.21
C GLU B 78 17.47 -0.49 -5.18
N GLY B 79 18.25 -1.27 -5.94
CA GLY B 79 19.70 -1.11 -5.96
C GLY B 79 20.31 -1.62 -7.25
N PRO B 88 21.77 -5.66 -9.52
CA PRO B 88 20.58 -4.79 -9.41
C PRO B 88 19.34 -5.58 -8.99
N PHE B 89 18.50 -4.93 -8.17
CA PHE B 89 17.39 -5.62 -7.55
C PHE B 89 16.28 -4.62 -7.25
N LEU B 90 15.09 -5.16 -7.02
CA LEU B 90 13.93 -4.39 -6.61
C LEU B 90 13.21 -5.23 -5.57
N VAL B 91 12.94 -4.66 -4.40
CA VAL B 91 12.21 -5.34 -3.35
C VAL B 91 10.80 -4.75 -3.34
N LEU B 92 9.79 -5.62 -3.38
CA LEU B 92 8.39 -5.21 -3.34
C LEU B 92 7.71 -5.83 -2.13
N SER B 93 6.81 -5.09 -1.48
CA SER B 93 5.94 -5.67 -0.47
C SER B 93 5.08 -6.77 -1.10
N ARG B 94 4.83 -7.79 -0.27
CA ARG B 94 3.95 -8.87 -0.64
C ARG B 94 2.53 -8.55 -0.21
N VAL B 95 1.59 -8.66 -1.13
CA VAL B 95 0.19 -8.43 -0.83
C VAL B 95 -0.34 -9.66 -0.07
N PRO B 96 -0.98 -9.54 1.11
CA PRO B 96 -1.54 -10.71 1.80
C PRO B 96 -2.82 -11.22 1.16
N GLY B 97 -3.21 -12.44 1.57
CA GLY B 97 -4.48 -13.01 1.14
C GLY B 97 -4.28 -14.11 0.11
N ALA B 98 -5.40 -14.61 -0.41
CA ALA B 98 -5.42 -15.76 -1.28
C ALA B 98 -6.43 -15.52 -2.40
N PRO B 99 -6.26 -16.20 -3.56
CA PRO B 99 -7.26 -16.14 -4.63
C PRO B 99 -8.61 -16.65 -4.13
N LEU B 100 -9.67 -16.18 -4.79
CA LEU B 100 -11.01 -16.62 -4.46
C LEU B 100 -11.43 -17.70 -5.47
N GLU B 101 -11.74 -18.88 -4.92
CA GLU B 101 -12.15 -20.07 -5.67
C GLU B 101 -13.46 -19.77 -6.40
N ALA B 102 -13.53 -20.05 -7.71
CA ALA B 102 -14.71 -19.76 -8.52
C ALA B 102 -15.99 -20.23 -7.83
N ASP B 103 -15.92 -21.34 -7.07
CA ASP B 103 -17.07 -21.96 -6.43
C ASP B 103 -17.71 -21.05 -5.38
N ALA B 104 -16.90 -20.17 -4.77
CA ALA B 104 -17.41 -19.27 -3.74
C ALA B 104 -18.51 -18.38 -4.32
N LEU B 105 -18.45 -18.10 -5.62
CA LEU B 105 -19.39 -17.17 -6.24
C LEU B 105 -20.79 -17.80 -6.40
N GLU B 106 -20.94 -19.07 -5.99
CA GLU B 106 -22.22 -19.76 -6.00
C GLU B 106 -23.16 -19.15 -4.96
N ASP B 107 -22.59 -18.66 -3.85
CA ASP B 107 -23.36 -17.88 -2.90
C ASP B 107 -23.59 -16.48 -3.48
N SER B 108 -24.86 -16.10 -3.66
CA SER B 108 -25.19 -14.90 -4.40
C SER B 108 -24.79 -13.65 -3.62
N LYS B 109 -24.59 -13.78 -2.29
CA LYS B 109 -24.20 -12.65 -1.46
C LYS B 109 -22.70 -12.44 -1.55
N VAL B 110 -21.93 -13.54 -1.62
CA VAL B 110 -20.51 -13.47 -1.90
C VAL B 110 -20.34 -12.84 -3.28
N ALA B 111 -21.10 -13.31 -4.29
CA ALA B 111 -20.95 -12.81 -5.66
C ALA B 111 -21.19 -11.30 -5.72
N GLU B 112 -22.15 -10.84 -4.91
CA GLU B 112 -22.56 -9.44 -4.92
C GLU B 112 -21.42 -8.54 -4.41
N VAL B 113 -20.81 -8.93 -3.27
CA VAL B 113 -19.78 -8.10 -2.67
C VAL B 113 -18.47 -8.23 -3.46
N VAL B 114 -18.24 -9.39 -4.08
CA VAL B 114 -17.03 -9.58 -4.87
C VAL B 114 -17.14 -8.77 -6.16
N ALA B 115 -18.30 -8.79 -6.81
CA ALA B 115 -18.55 -8.00 -8.00
C ALA B 115 -18.37 -6.51 -7.70
N ALA B 116 -18.86 -6.05 -6.53
CA ALA B 116 -18.79 -4.63 -6.19
C ALA B 116 -17.33 -4.19 -6.03
N GLN B 117 -16.52 -5.03 -5.40
CA GLN B 117 -15.13 -4.73 -5.17
C GLN B 117 -14.32 -4.74 -6.46
N TYR B 118 -14.66 -5.61 -7.45
CA TYR B 118 -14.03 -5.51 -8.75
C TYR B 118 -14.38 -4.18 -9.44
N VAL B 119 -15.61 -3.71 -9.26
CA VAL B 119 -16.05 -2.47 -9.91
C VAL B 119 -15.18 -1.35 -9.38
N THR B 120 -14.85 -1.39 -8.08
CA THR B 120 -14.07 -0.33 -7.46
C THR B 120 -12.65 -0.34 -8.04
N LEU B 121 -12.08 -1.54 -8.11
CA LEU B 121 -10.76 -1.77 -8.70
C LEU B 121 -10.68 -1.23 -10.14
N LEU B 122 -11.63 -1.66 -10.98
CA LEU B 122 -11.67 -1.28 -12.37
C LEU B 122 -11.92 0.22 -12.58
N SER B 123 -12.80 0.81 -11.76
CA SER B 123 -13.08 2.25 -11.80
C SER B 123 -11.83 3.05 -11.48
N GLY B 124 -11.11 2.57 -10.46
CA GLY B 124 -9.87 3.17 -10.05
C GLY B 124 -8.81 3.13 -11.15
N LEU B 125 -8.73 2.00 -11.86
CA LEU B 125 -7.78 1.86 -12.97
C LEU B 125 -8.19 2.78 -14.14
N ALA B 126 -9.50 2.89 -14.39
CA ALA B 126 -10.00 3.73 -15.47
C ALA B 126 -9.63 5.18 -15.23
N SER B 127 -9.98 5.68 -14.04
CA SER B 127 -9.70 7.05 -13.61
C SER B 127 -8.21 7.37 -13.69
N ALA B 128 -7.38 6.41 -13.23
CA ALA B 128 -5.94 6.61 -13.22
C ALA B 128 -5.39 6.85 -14.64
N GLY B 129 -6.07 6.28 -15.64
CA GLY B 129 -5.70 6.39 -17.04
C GLY B 129 -5.53 7.83 -17.53
N ALA B 130 -6.23 8.79 -16.89
CA ALA B 130 -6.12 10.21 -17.20
C ALA B 130 -4.90 10.86 -16.53
N ASP B 131 -4.40 10.28 -15.44
CA ASP B 131 -3.36 10.90 -14.61
C ASP B 131 -2.02 10.92 -15.33
N GLU B 132 -1.14 11.87 -14.95
CA GLU B 132 0.06 12.21 -15.70
C GLU B 132 1.25 11.39 -15.20
N LYS B 133 1.50 11.44 -13.89
CA LYS B 133 2.29 10.41 -13.22
C LYS B 133 2.20 9.10 -14.02
N VAL B 134 0.94 8.69 -14.31
CA VAL B 134 0.64 7.40 -14.92
C VAL B 134 1.00 7.39 -16.41
N ARG B 135 0.37 8.27 -17.19
CA ARG B 135 0.47 8.19 -18.65
C ARG B 135 1.93 8.23 -19.07
N ALA B 136 2.79 8.89 -18.29
CA ALA B 136 4.18 9.02 -18.66
C ALA B 136 5.05 7.93 -18.03
N ALA B 137 4.61 7.28 -16.95
CA ALA B 137 5.43 6.22 -16.36
C ALA B 137 5.14 4.88 -17.06
N LEU B 138 3.94 4.74 -17.62
CA LEU B 138 3.50 3.43 -18.05
C LEU B 138 3.64 3.22 -19.55
N PRO B 139 3.87 1.95 -19.96
CA PRO B 139 3.86 1.55 -21.36
C PRO B 139 2.55 1.93 -22.04
N ALA B 140 2.65 2.44 -23.27
CA ALA B 140 1.49 2.69 -24.10
C ALA B 140 1.87 2.34 -25.54
N PRO B 141 1.99 1.03 -25.86
CA PRO B 141 2.35 0.57 -27.21
C PRO B 141 1.26 0.88 -28.22
N GLN B 142 1.68 1.18 -29.46
CA GLN B 142 0.78 1.35 -30.59
C GLN B 142 0.58 0.00 -31.28
N GLY B 143 -0.67 -0.34 -31.59
CA GLY B 143 -0.98 -1.49 -32.43
C GLY B 143 -0.55 -2.82 -31.83
N ARG B 144 -0.67 -2.93 -30.50
CA ARG B 144 -0.27 -4.15 -29.79
C ARG B 144 -0.95 -5.36 -30.41
N TRP B 145 -2.19 -5.19 -30.88
CA TRP B 145 -2.99 -6.31 -31.39
C TRP B 145 -2.59 -6.70 -32.82
N ARG B 146 -2.10 -5.76 -33.63
CA ARG B 146 -1.59 -6.10 -34.94
C ARG B 146 -0.25 -6.79 -34.81
N GLN B 147 0.60 -6.29 -33.91
CA GLN B 147 1.87 -6.93 -33.62
C GLN B 147 1.60 -8.37 -33.19
N PHE B 148 0.58 -8.54 -32.33
CA PHE B 148 0.17 -9.85 -31.88
C PHE B 148 -0.25 -10.72 -33.08
N ALA B 149 -1.08 -10.17 -33.98
CA ALA B 149 -1.56 -10.91 -35.14
C ALA B 149 -0.40 -11.40 -36.00
N ALA B 150 0.61 -10.54 -36.17
CA ALA B 150 1.78 -10.88 -36.98
C ALA B 150 2.58 -12.00 -36.31
N ASP B 151 2.76 -11.87 -34.99
CA ASP B 151 3.48 -12.87 -34.22
C ASP B 151 2.79 -14.23 -34.33
N VAL B 152 1.44 -14.24 -34.30
CA VAL B 152 0.70 -15.50 -34.30
C VAL B 152 0.90 -16.21 -35.64
N ARG B 153 0.80 -15.44 -36.74
CA ARG B 153 0.93 -15.95 -38.09
C ARG B 153 2.34 -16.51 -38.32
N ALA B 154 3.38 -15.77 -37.91
CA ALA B 154 4.75 -16.21 -38.10
C ALA B 154 5.08 -17.42 -37.22
N GLU B 155 4.59 -17.42 -35.98
CA GLU B 155 5.11 -18.35 -34.98
C GLU B 155 4.16 -19.52 -34.73
N LEU B 156 2.84 -19.35 -34.85
CA LEU B 156 1.90 -20.41 -34.47
C LEU B 156 1.24 -21.09 -35.67
N PHE B 157 0.92 -20.35 -36.74
CA PHE B 157 0.24 -20.91 -37.90
C PHE B 157 0.95 -22.16 -38.39
N PRO B 158 2.30 -22.20 -38.46
CA PRO B 158 3.03 -23.42 -38.85
C PRO B 158 2.75 -24.63 -37.95
N LEU B 159 2.30 -24.40 -36.70
CA LEU B 159 1.97 -25.49 -35.80
C LEU B 159 0.50 -25.88 -35.88
N MET B 160 -0.31 -25.21 -36.72
CA MET B 160 -1.75 -25.36 -36.66
C MET B 160 -2.27 -26.19 -37.85
N SER B 161 -3.47 -26.76 -37.69
CA SER B 161 -4.16 -27.40 -38.80
C SER B 161 -4.74 -26.35 -39.74
N ASP B 162 -5.19 -26.77 -40.92
CA ASP B 162 -5.74 -25.84 -41.90
C ASP B 162 -6.97 -25.18 -41.30
N GLY B 163 -7.82 -25.99 -40.66
CA GLY B 163 -9.01 -25.52 -39.99
C GLY B 163 -8.68 -24.57 -38.82
N GLY B 164 -7.65 -24.92 -38.06
CA GLY B 164 -7.09 -24.06 -37.03
C GLY B 164 -6.70 -22.68 -37.57
N CYS B 165 -5.97 -22.66 -38.68
CA CYS B 165 -5.49 -21.42 -39.27
C CYS B 165 -6.68 -20.57 -39.71
N ARG B 166 -7.76 -21.23 -40.16
CA ARG B 166 -8.94 -20.49 -40.61
C ARG B 166 -9.67 -19.88 -39.41
N GLN B 167 -9.81 -20.63 -38.31
CA GLN B 167 -10.43 -20.07 -37.11
C GLN B 167 -9.58 -18.91 -36.60
N ALA B 168 -8.27 -19.13 -36.48
CA ALA B 168 -7.41 -18.12 -35.90
C ALA B 168 -7.41 -16.86 -36.77
N GLU B 169 -7.48 -17.01 -38.10
CA GLU B 169 -7.43 -15.86 -39.00
C GLU B 169 -8.70 -15.02 -38.83
N ARG B 170 -9.83 -15.65 -38.47
CA ARG B 170 -11.05 -14.95 -38.12
C ARG B 170 -10.81 -14.11 -36.86
N GLU B 171 -10.26 -14.75 -35.81
CA GLU B 171 -10.07 -14.13 -34.52
C GLU B 171 -9.14 -12.93 -34.70
N LEU B 172 -8.07 -13.09 -35.49
CA LEU B 172 -7.10 -12.02 -35.72
C LEU B 172 -7.70 -10.91 -36.57
N ALA B 173 -8.59 -11.25 -37.51
CA ALA B 173 -9.16 -10.26 -38.39
C ALA B 173 -9.95 -9.27 -37.55
N ALA B 174 -10.66 -9.81 -36.54
CA ALA B 174 -11.51 -9.05 -35.64
C ALA B 174 -10.70 -8.06 -34.80
N LEU B 175 -9.41 -8.35 -34.57
CA LEU B 175 -8.54 -7.43 -33.85
C LEU B 175 -8.42 -6.10 -34.60
N ASP B 176 -8.75 -6.07 -35.90
CA ASP B 176 -8.75 -4.81 -36.65
C ASP B 176 -9.99 -3.98 -36.31
N SER B 177 -11.10 -4.63 -35.94
CA SER B 177 -12.26 -3.93 -35.42
C SER B 177 -11.89 -3.08 -34.21
N LEU B 178 -10.94 -3.55 -33.38
CA LEU B 178 -10.65 -2.87 -32.13
C LEU B 178 -10.12 -1.47 -32.44
N PRO B 179 -10.69 -0.41 -31.84
CA PRO B 179 -9.98 0.87 -31.70
C PRO B 179 -8.79 0.74 -30.76
N ASP B 180 -7.65 1.35 -31.12
CA ASP B 180 -6.46 1.34 -30.30
C ASP B 180 -6.69 2.29 -29.12
N ILE B 181 -7.51 1.85 -28.15
CA ILE B 181 -7.96 2.68 -27.04
C ILE B 181 -6.92 2.67 -25.92
N THR B 182 -6.53 3.88 -25.45
CA THR B 182 -5.61 4.06 -24.35
C THR B 182 -6.18 5.05 -23.33
N GLU B 183 -7.26 4.64 -22.66
CA GLU B 183 -7.94 5.53 -21.74
C GLU B 183 -7.77 5.08 -20.29
N ALA B 184 -7.44 3.79 -20.03
CA ALA B 184 -7.42 3.25 -18.67
C ALA B 184 -6.07 2.60 -18.36
N VAL B 185 -5.74 2.52 -17.08
CA VAL B 185 -4.68 1.62 -16.66
C VAL B 185 -5.27 0.21 -16.81
N VAL B 186 -4.55 -0.65 -17.54
CA VAL B 186 -4.97 -2.03 -17.79
C VAL B 186 -3.93 -2.95 -17.17
N HIS B 187 -4.37 -3.78 -16.22
CA HIS B 187 -3.48 -4.75 -15.60
C HIS B 187 -2.90 -5.72 -16.65
N GLY B 188 -3.76 -6.27 -17.48
CA GLY B 188 -3.32 -7.05 -18.64
C GLY B 188 -3.34 -8.55 -18.41
N ASN B 189 -3.48 -8.98 -17.16
CA ASN B 189 -3.53 -10.39 -16.85
C ASN B 189 -4.34 -10.60 -15.58
N LEU B 190 -5.58 -10.09 -15.57
CA LEU B 190 -6.31 -9.96 -14.32
C LEU B 190 -7.11 -11.24 -14.05
N GLY B 191 -6.42 -12.37 -14.09
CA GLY B 191 -7.04 -13.62 -13.74
C GLY B 191 -7.23 -13.73 -12.25
N ALA B 192 -8.03 -14.72 -11.86
CA ALA B 192 -8.34 -15.02 -10.48
C ALA B 192 -7.09 -15.17 -9.62
N GLU B 193 -6.01 -15.77 -10.12
CA GLU B 193 -4.84 -16.05 -9.30
C GLU B 193 -4.15 -14.75 -8.86
N ASN B 194 -4.41 -13.66 -9.61
CA ASN B 194 -3.73 -12.39 -9.43
C ASN B 194 -4.50 -11.43 -8.51
N VAL B 195 -5.68 -11.85 -8.03
CA VAL B 195 -6.53 -11.05 -7.17
C VAL B 195 -6.68 -11.76 -5.82
N LEU B 196 -6.25 -11.07 -4.75
CA LEU B 196 -6.09 -11.70 -3.44
C LEU B 196 -7.13 -11.13 -2.50
N TRP B 197 -7.60 -12.01 -1.60
CA TRP B 197 -8.78 -11.82 -0.78
C TRP B 197 -8.48 -12.21 0.65
N VAL B 198 -9.16 -11.50 1.56
CA VAL B 198 -9.24 -11.84 2.96
C VAL B 198 -10.52 -12.65 3.12
N ARG B 199 -10.36 -13.89 3.59
CA ARG B 199 -11.43 -14.87 3.62
C ARG B 199 -11.63 -15.30 5.07
N ASP B 200 -12.81 -15.86 5.37
CA ASP B 200 -13.08 -16.43 6.69
C ASP B 200 -13.06 -15.33 7.77
N ASP B 201 -13.36 -14.08 7.37
CA ASP B 201 -13.69 -13.06 8.35
C ASP B 201 -14.92 -12.30 7.85
N GLY B 202 -16.06 -12.99 7.87
CA GLY B 202 -17.25 -12.56 7.14
C GLY B 202 -17.08 -12.76 5.63
N LEU B 203 -17.83 -12.00 4.86
CA LEU B 203 -17.77 -12.13 3.41
C LEU B 203 -16.39 -11.66 2.93
N PRO B 204 -15.91 -12.17 1.79
CA PRO B 204 -14.58 -11.84 1.27
C PRO B 204 -14.34 -10.35 1.01
N ARG B 205 -13.16 -9.90 1.45
CA ARG B 205 -12.75 -8.51 1.24
C ARG B 205 -11.45 -8.54 0.45
N LEU B 206 -11.42 -7.66 -0.57
CA LEU B 206 -10.32 -7.58 -1.51
C LEU B 206 -9.11 -7.05 -0.76
N SER B 207 -8.04 -7.85 -0.78
CA SER B 207 -6.77 -7.45 -0.18
C SER B 207 -5.98 -6.62 -1.20
N GLY B 208 -5.75 -7.18 -2.39
CA GLY B 208 -4.97 -6.51 -3.42
C GLY B 208 -4.74 -7.37 -4.66
N VAL B 209 -3.88 -6.85 -5.55
CA VAL B 209 -3.67 -7.37 -6.88
C VAL B 209 -2.17 -7.42 -7.12
N ILE B 210 -1.73 -8.52 -7.72
CA ILE B 210 -0.32 -8.80 -7.93
C ILE B 210 -0.14 -9.04 -9.43
N ASP B 211 1.13 -9.31 -9.79
CA ASP B 211 1.58 -9.68 -11.13
C ASP B 211 1.23 -8.57 -12.14
N TRP B 212 1.90 -7.43 -12.00
CA TRP B 212 1.64 -6.26 -12.82
C TRP B 212 2.56 -6.21 -14.05
N ASP B 213 3.17 -7.34 -14.42
CA ASP B 213 4.18 -7.36 -15.47
C ASP B 213 3.64 -6.83 -16.80
N GLU B 214 2.34 -7.03 -17.09
CA GLU B 214 1.80 -6.70 -18.40
C GLU B 214 1.12 -5.31 -18.39
N VAL B 215 1.31 -4.52 -17.31
CA VAL B 215 0.52 -3.32 -17.05
C VAL B 215 0.84 -2.29 -18.12
N SER B 216 -0.20 -1.56 -18.54
CA SER B 216 -0.08 -0.57 -19.59
C SER B 216 -1.21 0.44 -19.47
N ILE B 217 -1.13 1.47 -20.30
CA ILE B 217 -2.30 2.25 -20.66
C ILE B 217 -2.93 1.59 -21.89
N GLY B 218 -4.25 1.36 -21.82
CA GLY B 218 -4.91 0.58 -22.84
C GLY B 218 -6.42 0.60 -22.69
N ASP B 219 -7.03 -0.47 -23.18
CA ASP B 219 -8.48 -0.64 -23.19
C ASP B 219 -8.92 -1.51 -22.01
N PRO B 220 -9.82 -1.04 -21.11
CA PRO B 220 -10.27 -1.83 -19.96
C PRO B 220 -11.04 -3.10 -20.32
N ALA B 221 -11.50 -3.21 -21.58
CA ALA B 221 -12.11 -4.45 -22.04
C ALA B 221 -11.16 -5.65 -21.83
N GLU B 222 -9.85 -5.41 -21.91
CA GLU B 222 -8.84 -6.43 -21.68
C GLU B 222 -8.95 -7.01 -20.26
N ASP B 223 -9.11 -6.16 -19.26
CA ASP B 223 -9.25 -6.61 -17.87
C ASP B 223 -10.61 -7.29 -17.63
N LEU B 224 -11.68 -6.74 -18.22
CA LEU B 224 -13.00 -7.36 -18.12
C LEU B 224 -13.01 -8.76 -18.76
N ALA B 225 -12.37 -8.88 -19.92
CA ALA B 225 -12.28 -10.19 -20.56
C ALA B 225 -11.60 -11.22 -19.63
N ALA B 226 -10.51 -10.79 -18.97
CA ALA B 226 -9.78 -11.67 -18.07
C ALA B 226 -10.65 -12.15 -16.93
N ILE B 227 -11.55 -11.28 -16.42
CA ILE B 227 -12.43 -11.64 -15.33
C ILE B 227 -13.41 -12.69 -15.81
N GLY B 228 -14.02 -12.43 -16.97
CA GLY B 228 -14.90 -13.41 -17.58
C GLY B 228 -14.20 -14.75 -17.86
N ALA B 229 -12.94 -14.71 -18.30
CA ALA B 229 -12.20 -15.94 -18.55
C ALA B 229 -12.05 -16.73 -17.25
N GLY B 230 -11.82 -16.03 -16.12
CA GLY B 230 -11.53 -16.70 -14.87
C GLY B 230 -12.77 -17.18 -14.13
N TYR B 231 -13.90 -16.46 -14.27
CA TYR B 231 -15.07 -16.71 -13.44
C TYR B 231 -16.36 -16.94 -14.22
N GLY B 232 -16.33 -16.82 -15.55
CA GLY B 232 -17.49 -17.17 -16.34
C GLY B 232 -18.37 -15.96 -16.61
N LYS B 233 -19.31 -16.16 -17.54
CA LYS B 233 -20.08 -15.07 -18.14
C LYS B 233 -21.10 -14.50 -17.16
N ASP B 234 -21.71 -15.33 -16.32
CA ASP B 234 -22.70 -14.83 -15.39
C ASP B 234 -22.04 -13.75 -14.51
N PHE B 235 -20.87 -14.07 -13.94
CA PHE B 235 -20.20 -13.18 -13.02
C PHE B 235 -19.73 -11.91 -13.76
N LEU B 236 -19.18 -12.05 -14.95
CA LEU B 236 -18.73 -10.87 -15.67
C LEU B 236 -19.90 -9.92 -15.93
N ASP B 237 -21.05 -10.51 -16.30
CA ASP B 237 -22.28 -9.77 -16.54
C ASP B 237 -22.71 -8.97 -15.31
N GLN B 238 -22.59 -9.56 -14.12
CA GLN B 238 -22.83 -8.85 -12.88
C GLN B 238 -21.91 -7.63 -12.74
N VAL B 239 -20.61 -7.82 -13.00
CA VAL B 239 -19.65 -6.75 -12.89
C VAL B 239 -20.03 -5.65 -13.87
N LEU B 240 -20.40 -6.04 -15.09
CA LEU B 240 -20.62 -5.07 -16.15
C LEU B 240 -21.87 -4.23 -15.82
N THR B 241 -22.85 -4.86 -15.17
CA THR B 241 -24.09 -4.17 -14.91
C THR B 241 -23.91 -3.20 -13.73
N LEU B 242 -23.30 -3.69 -12.63
CA LEU B 242 -22.97 -2.86 -11.48
C LEU B 242 -22.14 -1.66 -11.87
N GLY B 243 -21.24 -1.84 -12.84
CA GLY B 243 -20.30 -0.80 -13.21
C GLY B 243 -20.77 0.06 -14.38
N GLY B 244 -21.94 -0.23 -14.96
CA GLY B 244 -22.44 0.59 -16.06
C GLY B 244 -21.62 0.38 -17.34
N TRP B 245 -21.14 -0.85 -17.54
CA TRP B 245 -20.26 -1.18 -18.66
C TRP B 245 -20.91 -2.17 -19.60
N SER B 246 -22.24 -2.18 -19.74
CA SER B 246 -22.86 -3.30 -20.43
C SER B 246 -23.44 -2.92 -21.79
N ASP B 247 -22.93 -1.86 -22.42
CA ASP B 247 -23.29 -1.53 -23.79
C ASP B 247 -22.65 -2.52 -24.78
N ARG B 248 -23.11 -2.46 -26.04
CA ARG B 248 -22.76 -3.43 -27.06
C ARG B 248 -21.35 -3.17 -27.57
N ARG B 249 -20.96 -1.90 -27.67
CA ARG B 249 -19.63 -1.54 -28.09
C ARG B 249 -18.60 -2.23 -27.17
N MET B 250 -18.80 -2.13 -25.85
CA MET B 250 -17.92 -2.75 -24.87
C MET B 250 -17.96 -4.28 -25.00
N ALA B 251 -19.15 -4.87 -25.17
CA ALA B 251 -19.32 -6.32 -25.22
C ALA B 251 -18.52 -6.91 -26.38
N THR B 252 -18.51 -6.19 -27.51
CA THR B 252 -17.80 -6.60 -28.72
C THR B 252 -16.30 -6.57 -28.47
N ARG B 253 -15.77 -5.47 -27.92
CA ARG B 253 -14.36 -5.42 -27.54
C ARG B 253 -14.00 -6.55 -26.57
N ILE B 254 -14.85 -6.86 -25.59
CA ILE B 254 -14.53 -7.93 -24.65
C ILE B 254 -14.44 -9.27 -25.38
N ALA B 255 -15.41 -9.57 -26.24
CA ALA B 255 -15.46 -10.87 -26.89
C ALA B 255 -14.24 -11.03 -27.79
N THR B 256 -13.91 -9.96 -28.52
CA THR B 256 -12.79 -9.96 -29.44
C THR B 256 -11.49 -10.25 -28.72
N ILE B 257 -11.28 -9.58 -27.60
CA ILE B 257 -10.05 -9.77 -26.87
C ILE B 257 -10.03 -11.14 -26.20
N ARG B 258 -11.17 -11.58 -25.66
CA ARG B 258 -11.26 -12.86 -24.96
C ARG B 258 -10.88 -13.99 -25.92
N ALA B 259 -11.21 -13.83 -27.20
CA ALA B 259 -10.94 -14.84 -28.20
C ALA B 259 -9.44 -15.08 -28.41
N THR B 260 -8.57 -14.16 -27.94
CA THR B 260 -7.15 -14.23 -28.18
C THR B 260 -6.39 -14.96 -27.06
N PHE B 261 -7.06 -15.37 -25.98
CA PHE B 261 -6.37 -15.77 -24.75
C PHE B 261 -5.64 -17.10 -24.95
N ALA B 262 -6.27 -18.05 -25.62
CA ALA B 262 -5.62 -19.31 -25.93
C ALA B 262 -4.38 -19.08 -26.78
N LEU B 263 -4.54 -18.24 -27.80
CA LEU B 263 -3.44 -17.93 -28.70
C LEU B 263 -2.34 -17.16 -27.98
N GLN B 264 -2.69 -16.28 -27.03
CA GLN B 264 -1.67 -15.64 -26.23
C GLN B 264 -0.90 -16.67 -25.41
N GLN B 265 -1.62 -17.62 -24.79
CA GLN B 265 -0.96 -18.68 -24.04
C GLN B 265 0.01 -19.42 -24.96
N ALA B 266 -0.46 -19.82 -26.17
CA ALA B 266 0.37 -20.58 -27.10
C ALA B 266 1.59 -19.78 -27.52
N LEU B 267 1.42 -18.49 -27.85
CA LEU B 267 2.54 -17.70 -28.32
C LEU B 267 3.63 -17.59 -27.23
N SER B 268 3.21 -17.40 -25.98
CA SER B 268 4.14 -17.35 -24.86
C SER B 268 4.86 -18.69 -24.67
N ALA B 269 4.10 -19.77 -24.74
CA ALA B 269 4.61 -21.11 -24.48
C ALA B 269 5.59 -21.52 -25.57
N CYS B 270 5.34 -21.00 -26.79
CA CYS B 270 6.18 -21.26 -27.94
C CYS B 270 7.54 -20.62 -27.76
N ARG B 271 7.54 -19.37 -27.25
CA ARG B 271 8.76 -18.62 -27.02
C ARG B 271 9.50 -19.11 -25.78
N ASP B 272 8.77 -19.69 -24.82
CA ASP B 272 9.32 -20.10 -23.53
C ASP B 272 9.85 -21.53 -23.56
N GLY B 273 9.55 -22.29 -24.61
CA GLY B 273 9.76 -23.72 -24.60
C GLY B 273 8.97 -24.41 -23.50
N ASP B 274 7.73 -23.96 -23.29
CA ASP B 274 6.83 -24.59 -22.34
C ASP B 274 5.85 -25.46 -23.13
N GLU B 275 6.14 -26.76 -23.22
CA GLU B 275 5.42 -27.67 -24.12
C GLU B 275 4.02 -27.99 -23.60
N GLU B 276 3.82 -27.92 -22.28
CA GLU B 276 2.51 -28.17 -21.70
C GLU B 276 1.56 -27.02 -22.04
N GLU B 277 2.01 -25.78 -21.86
CA GLU B 277 1.16 -24.62 -22.13
C GLU B 277 0.89 -24.51 -23.63
N LEU B 278 1.88 -24.86 -24.46
CA LEU B 278 1.74 -24.75 -25.90
C LEU B 278 0.63 -25.66 -26.37
N ALA B 279 0.65 -26.90 -25.87
CA ALA B 279 -0.33 -27.92 -26.21
C ALA B 279 -1.72 -27.47 -25.79
N ASP B 280 -1.79 -26.95 -24.57
CA ASP B 280 -3.07 -26.53 -24.02
C ASP B 280 -3.58 -25.36 -24.86
N GLY B 281 -2.70 -24.38 -25.12
CA GLY B 281 -3.04 -23.22 -25.91
C GLY B 281 -3.56 -23.57 -27.29
N LEU B 282 -2.98 -24.61 -27.93
CA LEU B 282 -3.32 -24.91 -29.31
C LEU B 282 -4.48 -25.89 -29.43
N THR B 283 -4.99 -26.41 -28.30
CA THR B 283 -6.18 -27.26 -28.32
C THR B 283 -7.23 -26.63 -29.23
N GLY B 284 -7.73 -27.42 -30.19
CA GLY B 284 -8.76 -26.96 -31.12
C GLY B 284 -8.26 -26.04 -32.24
N TYR B 285 -6.96 -25.71 -32.26
CA TYR B 285 -6.35 -25.10 -33.43
C TYR B 285 -5.54 -26.12 -34.23
N ARG B 286 -5.48 -27.37 -33.76
CA ARG B 286 -4.73 -28.42 -34.44
C ARG B 286 -5.29 -29.79 -34.04
C KBE C 1 -0.25 -18.69 -16.49
N KBE C 1 1.56 -19.84 -13.35
O KBE C 1 -0.70 -17.64 -16.00
CA KBE C 1 0.82 -19.41 -15.69
CB KBE C 1 1.02 -18.82 -14.28
CD KBE C 1 1.76 -16.62 -13.14
CE KBE C 1 0.42 -15.91 -13.17
CG KBE C 1 1.92 -17.57 -14.31
NZ KBE C 1 0.21 -15.10 -11.94
N DPP C 2 -1.99 -17.99 -19.43
CA DPP C 2 -2.72 -19.19 -19.02
C DPP C 2 -4.23 -19.02 -19.25
O DPP C 2 -5.01 -19.70 -18.52
CB DPP C 2 -2.40 -19.56 -17.58
NG DPP C 2 -0.95 -19.63 -17.35
C UAL C 3 -6.66 -17.14 -20.17
N UAL C 3 -4.66 -18.40 -20.39
O UAL C 3 -7.83 -16.92 -20.51
C1 UAL C 3 -6.88 -21.17 -22.88
N1 UAL C 3 -6.21 -20.31 -22.00
N2 UAL C 3 -6.18 -22.17 -23.41
O2 UAL C 3 -8.05 -20.96 -23.16
CA UAL C 3 -5.98 -18.24 -20.65
CB UAL C 3 -6.71 -19.16 -21.42
CA MYN C 4 -6.64 -14.91 -19.08
N MYN C 4 -5.94 -16.17 -19.45
C MYN C 4 -5.91 -13.73 -19.74
CB MYN C 4 -6.78 -14.74 -17.56
CG MYN C 4 -7.68 -15.79 -16.95
CD MYN C 4 -6.92 -17.04 -16.56
NE MYN C 4 -5.67 -16.69 -15.94
CZ MYN C 4 -5.01 -15.59 -16.17
N1 MYN C 4 -5.44 -14.68 -17.04
NZ MYN C 4 -3.85 -15.41 -15.55
O MYN C 4 -5.91 -12.61 -19.15
N DPP C 5 -2.36 -11.36 -21.39
CA DPP C 5 -3.01 -12.47 -20.66
C DPP C 5 -2.11 -13.70 -20.65
O DPP C 5 -1.54 -14.03 -21.70
CB DPP C 5 -4.36 -12.82 -21.29
NG DPP C 5 -4.93 -14.06 -20.69
N SER C 6 -2.04 -14.39 -19.50
CA SER C 6 -1.33 -15.67 -19.38
C SER C 6 -2.32 -16.76 -19.02
C ACT D . 3.42 19.19 18.37
O ACT D . 2.88 20.31 18.30
OXT ACT D . 4.21 18.76 17.52
CH3 ACT D . 3.06 18.26 19.54
C ACT E . -4.40 2.11 13.66
O ACT E . -4.61 2.75 14.73
OXT ACT E . -4.45 2.64 12.52
CH3 ACT E . -4.06 0.61 13.73
C ACT F . 21.66 -3.10 0.11
O ACT F . 21.96 -4.13 0.76
OXT ACT F . 22.23 -2.78 -0.94
CH3 ACT F . 20.51 -2.22 0.61
#